data_8QAB
#
_entry.id   8QAB
#
_cell.length_a   46.078
_cell.length_b   30.914
_cell.length_c   51.953
_cell.angle_alpha   90.000
_cell.angle_beta   88.642
_cell.angle_gamma   90.000
#
_symmetry.space_group_name_H-M   'P 1 21 1'
#
loop_
_entity.id
_entity.type
_entity.pdbx_description
1 polymer apCCHex
2 non-polymer 1-methoxy-2-[2-[2-[2-[2-[2-[2-[2-[2-[2-(2-methoxyethoxy)ethoxy]ethoxy]ethoxy]ethoxy]ethoxy]ethoxy]ethoxy]ethoxy]ethoxy]ethane
3 water water
#
_entity_poly.entity_id   1
_entity_poly.type   'polypeptide(L)'
_entity_poly.pdbx_seq_one_letter_code
;(ACE)GLLEEIAQLLEEIAKLLKKIAWLLKKIAQG(NH2)
;
_entity_poly.pdbx_strand_id   A,B,C,D,E,F
#
loop_
_chem_comp.id
_chem_comp.type
_chem_comp.name
_chem_comp.formula
ACE non-polymer 'ACETYL GROUP' 'C2 H4 O'
NH2 non-polymer 'AMINO GROUP' 'H2 N'
P8R non-polymer 1-methoxy-2-[2-[2-[2-[2-[2-[2-[2-[2-[2-(2-methoxyethoxy)ethoxy]ethoxy]ethoxy]ethoxy]ethoxy]ethoxy]ethoxy]ethoxy]ethoxy]ethane 'C24 H50 O12'
#
# COMPACT_ATOMS: atom_id res chain seq x y z
N GLY A 2 -16.63 4.10 -16.18
CA GLY A 2 -16.74 2.71 -15.65
C GLY A 2 -16.01 2.55 -14.34
N LEU A 3 -16.34 1.50 -13.59
CA LEU A 3 -15.78 1.35 -12.24
C LEU A 3 -14.32 0.90 -12.25
N LEU A 4 -13.88 0.12 -13.25
CA LEU A 4 -12.46 -0.25 -13.28
C LEU A 4 -11.60 0.97 -13.57
N GLU A 5 -12.06 1.85 -14.47
CA GLU A 5 -11.36 3.10 -14.71
C GLU A 5 -11.34 3.96 -13.46
N GLU A 6 -12.45 3.95 -12.70
CA GLU A 6 -12.46 4.67 -11.42
C GLU A 6 -11.42 4.13 -10.44
N ILE A 7 -11.31 2.82 -10.30
CA ILE A 7 -10.27 2.24 -9.42
C ILE A 7 -8.88 2.59 -9.91
N ALA A 8 -8.65 2.49 -11.22
CA ALA A 8 -7.37 2.87 -11.79
C ALA A 8 -7.00 4.29 -11.40
N GLN A 9 -7.95 5.23 -11.49
CA GLN A 9 -7.64 6.60 -11.09
C GLN A 9 -7.34 6.68 -9.58
N LEU A 10 -8.03 5.90 -8.76
CA LEU A 10 -7.73 5.90 -7.32
C LEU A 10 -6.34 5.34 -7.02
N LEU A 11 -5.90 4.33 -7.76
CA LEU A 11 -4.54 3.81 -7.58
C LEU A 11 -3.49 4.83 -7.98
N GLU A 12 -3.75 5.56 -9.06
CA GLU A 12 -2.89 6.65 -9.46
C GLU A 12 -2.78 7.69 -8.36
N GLU A 13 -3.90 7.96 -7.66
CA GLU A 13 -3.85 8.87 -6.51
C GLU A 13 -3.06 8.30 -5.33
N ILE A 14 -3.18 7.02 -5.02
CA ILE A 14 -2.33 6.44 -3.98
C ILE A 14 -0.85 6.49 -4.34
N ALA A 15 -0.53 6.24 -5.60
CA ALA A 15 0.85 6.28 -6.03
C ALA A 15 1.43 7.66 -5.80
N LYS A 16 0.66 8.69 -6.12
CA LYS A 16 1.10 10.04 -5.87
C LYS A 16 1.33 10.28 -4.38
N LEU A 17 0.45 9.75 -3.51
CA LEU A 17 0.63 9.94 -2.07
C LEU A 17 1.87 9.20 -1.54
N LEU A 18 2.19 8.02 -2.07
CA LEU A 18 3.40 7.32 -1.63
C LEU A 18 4.66 8.07 -2.02
N LYS A 19 4.64 8.65 -3.24
CA LYS A 19 5.75 9.49 -3.66
C LYS A 19 5.91 10.65 -2.70
N LYS A 20 4.79 11.26 -2.28
CA LYS A 20 4.87 12.34 -1.30
C LYS A 20 5.46 11.87 0.04
N ILE A 21 5.09 10.70 0.52
CA ILE A 21 5.70 10.15 1.75
C ILE A 21 7.20 9.94 1.57
N ALA A 22 7.62 9.40 0.42
CA ALA A 22 9.04 9.17 0.19
C ALA A 22 9.82 10.46 0.26
N TRP A 23 9.27 11.52 -0.33
CA TRP A 23 9.91 12.82 -0.27
C TRP A 23 10.06 13.25 1.18
N LEU A 24 9.04 13.02 2.01
CA LEU A 24 9.11 13.39 3.42
C LEU A 24 10.16 12.58 4.19
N LEU A 25 10.27 11.28 3.94
CA LEU A 25 11.28 10.50 4.61
C LEU A 25 12.69 10.95 4.27
N LYS A 26 12.91 11.31 2.99
CA LYS A 26 14.22 11.79 2.60
C LYS A 26 14.57 13.04 3.38
N LYS A 27 13.56 13.83 3.73
CA LYS A 27 13.78 14.99 4.59
C LYS A 27 14.10 14.58 6.03
N ILE A 28 13.40 13.58 6.56
CA ILE A 28 13.72 13.08 7.89
C ILE A 28 15.15 12.57 7.97
N ALA A 29 15.61 11.86 6.93
CA ALA A 29 16.98 11.34 6.93
C ALA A 29 18.01 12.45 6.82
N GLN A 30 17.76 13.43 5.94
CA GLN A 30 18.57 14.63 5.79
C GLN A 30 18.49 15.48 7.03
N GLY A 31 17.64 15.08 7.96
CA GLY A 31 17.58 15.70 9.25
C GLY A 31 18.97 15.76 9.85
C ACE B 1 3.60 18.63 11.84
O ACE B 1 3.89 19.13 10.77
CH3 ACE B 1 2.23 18.84 12.44
N GLY B 2 4.46 17.89 12.54
CA GLY B 2 5.80 17.64 12.02
C GLY B 2 5.84 16.63 10.86
N LEU B 3 7.06 16.26 10.44
CA LEU B 3 7.18 15.43 9.24
C LEU B 3 6.58 14.06 9.46
N LEU B 4 6.82 13.45 10.63
CA LEU B 4 6.19 12.16 10.94
C LEU B 4 4.68 12.26 10.98
N GLU B 5 4.13 13.33 11.57
CA GLU B 5 2.69 13.53 11.60
C GLU B 5 2.14 13.76 10.19
N GLU B 6 2.93 14.39 9.31
CA GLU B 6 2.50 14.56 7.93
C GLU B 6 2.45 13.24 7.18
N ILE B 7 3.49 12.42 7.36
CA ILE B 7 3.46 11.07 6.83
C ILE B 7 2.22 10.35 7.34
N ALA B 8 1.94 10.48 8.64
CA ALA B 8 0.76 9.82 9.18
C ALA B 8 -0.52 10.28 8.49
N GLN B 9 -0.65 11.57 8.20
CA GLN B 9 -1.84 12.07 7.54
CA GLN B 9 -1.84 12.07 7.54
C GLN B 9 -1.98 11.52 6.12
N LEU B 10 -0.87 11.41 5.40
CA LEU B 10 -0.90 10.88 4.05
C LEU B 10 -1.23 9.42 4.07
N LEU B 11 -0.76 8.71 5.08
CA LEU B 11 -1.10 7.30 5.22
C LEU B 11 -2.57 7.16 5.49
N GLU B 12 -3.15 8.06 6.28
CA GLU B 12 -4.61 8.05 6.50
C GLU B 12 -5.39 8.28 5.20
N GLU B 13 -4.91 9.18 4.32
CA GLU B 13 -5.54 9.40 3.03
C GLU B 13 -5.44 8.19 2.14
N ILE B 14 -4.29 7.54 2.14
CA ILE B 14 -4.11 6.30 1.41
C ILE B 14 -5.10 5.29 1.90
N ALA B 15 -5.26 5.20 3.22
CA ALA B 15 -6.21 4.22 3.75
C ALA B 15 -7.64 4.54 3.29
N LYS B 16 -8.01 5.81 3.23
CA LYS B 16 -9.35 6.18 2.77
C LYS B 16 -9.54 5.83 1.30
N LEU B 17 -8.51 6.01 0.48
CA LEU B 17 -8.65 5.68 -0.93
C LEU B 17 -8.72 4.19 -1.11
N LEU B 18 -7.99 3.43 -0.31
CA LEU B 18 -8.05 1.97 -0.36
C LEU B 18 -9.44 1.51 0.01
N LYS B 19 -10.07 2.17 0.98
CA LYS B 19 -11.46 1.84 1.31
C LYS B 19 -12.40 2.18 0.16
N LYS B 20 -12.18 3.28 -0.56
CA LYS B 20 -13.03 3.60 -1.72
C LYS B 20 -12.86 2.53 -2.80
N ILE B 21 -11.63 2.06 -3.02
CA ILE B 21 -11.40 0.98 -3.97
C ILE B 21 -12.15 -0.24 -3.53
N ALA B 22 -12.07 -0.57 -2.24
CA ALA B 22 -12.82 -1.71 -1.73
C ALA B 22 -14.30 -1.57 -2.03
N TRP B 23 -14.88 -0.39 -1.80
CA TRP B 23 -16.29 -0.17 -2.11
C TRP B 23 -16.60 -0.31 -3.59
N LEU B 24 -15.74 0.20 -4.46
CA LEU B 24 -15.95 0.04 -5.90
C LEU B 24 -15.86 -1.42 -6.31
N LEU B 25 -14.93 -2.18 -5.69
CA LEU B 25 -14.86 -3.61 -5.96
C LEU B 25 -16.16 -4.28 -5.58
N LYS B 26 -16.75 -3.88 -4.44
CA LYS B 26 -18.03 -4.44 -4.05
C LYS B 26 -19.14 -4.08 -5.05
N LYS B 27 -19.08 -2.87 -5.62
CA LYS B 27 -20.07 -2.44 -6.58
C LYS B 27 -19.92 -3.17 -7.90
N ILE B 28 -18.67 -3.45 -8.30
CA ILE B 28 -18.42 -4.26 -9.49
C ILE B 28 -19.07 -5.61 -9.30
N ALA B 29 -18.99 -6.15 -8.09
CA ALA B 29 -19.68 -7.41 -7.80
C ALA B 29 -21.19 -7.26 -7.85
N GLN B 30 -21.72 -6.04 -7.80
CA GLN B 30 -23.15 -5.79 -7.90
C GLN B 30 -23.60 -5.44 -9.33
N GLY B 31 -22.70 -5.49 -10.29
CA GLY B 31 -23.02 -5.17 -11.66
C GLY B 31 -22.76 -3.71 -12.03
N NH2 B 32 -23.24 -3.34 -13.21
HN1 NH2 B 32 -23.72 -4.03 -13.80
HN2 NH2 B 32 -23.11 -2.39 -13.54
N GLY C 2 21.93 5.99 3.49
CA GLY C 2 21.38 5.72 4.86
C GLY C 2 20.10 4.88 4.81
N LEU C 3 19.70 4.38 5.98
CA LEU C 3 18.58 3.43 6.00
C LEU C 3 17.26 4.10 5.66
N LEU C 4 17.01 5.31 6.18
CA LEU C 4 15.76 5.98 5.87
C LEU C 4 15.66 6.35 4.39
N GLU C 5 16.77 6.74 3.79
CA GLU C 5 16.76 7.05 2.37
C GLU C 5 16.46 5.80 1.57
N GLU C 6 16.99 4.66 2.02
CA GLU C 6 16.69 3.41 1.33
C GLU C 6 15.20 3.06 1.40
N ILE C 7 14.57 3.25 2.56
CA ILE C 7 13.13 3.08 2.67
C ILE C 7 12.38 4.00 1.70
N ALA C 8 12.80 5.25 1.59
CA ALA C 8 12.08 6.15 0.69
C ALA C 8 12.14 5.66 -0.76
N GLN C 9 13.31 5.19 -1.19
CA GLN C 9 13.46 4.69 -2.56
C GLN C 9 12.58 3.48 -2.78
N LEU C 10 12.44 2.63 -1.75
CA LEU C 10 11.54 1.49 -1.86
C LEU C 10 10.09 1.94 -2.04
N LEU C 11 9.66 2.97 -1.30
CA LEU C 11 8.31 3.50 -1.52
C LEU C 11 8.08 4.01 -2.95
N GLU C 12 9.09 4.66 -3.54
CA GLU C 12 8.96 5.13 -4.90
C GLU C 12 8.80 3.98 -5.86
N GLU C 13 9.51 2.88 -5.60
CA GLU C 13 9.34 1.67 -6.41
C GLU C 13 7.93 1.11 -6.29
N ILE C 14 7.38 1.11 -5.07
CA ILE C 14 6.00 0.69 -4.90
C ILE C 14 5.03 1.56 -5.73
N ALA C 15 5.24 2.88 -5.74
CA ALA C 15 4.34 3.73 -6.51
C ALA C 15 4.37 3.39 -7.99
N LYS C 16 5.55 3.11 -8.53
CA LYS C 16 5.65 2.79 -9.95
C LYS C 16 4.87 1.52 -10.24
N LEU C 17 4.94 0.58 -9.30
CA LEU C 17 4.20 -0.65 -9.49
C LEU C 17 2.71 -0.41 -9.46
N LEU C 18 2.20 0.44 -8.56
CA LEU C 18 0.78 0.79 -8.54
C LEU C 18 0.32 1.47 -9.84
N LYS C 19 1.15 2.32 -10.43
CA LYS C 19 0.76 2.93 -11.70
C LYS C 19 0.64 1.89 -12.81
N LYS C 20 1.51 0.88 -12.77
CA LYS C 20 1.41 -0.18 -13.76
C LYS C 20 0.13 -0.97 -13.56
N ILE C 21 -0.28 -1.20 -12.31
CA ILE C 21 -1.56 -1.84 -12.05
C ILE C 21 -2.71 -1.03 -12.64
N ALA C 22 -2.68 0.30 -12.45
CA ALA C 22 -3.73 1.13 -13.05
C ALA C 22 -3.80 0.99 -14.57
N TRP C 23 -2.64 0.97 -15.24
CA TRP C 23 -2.61 0.81 -16.69
C TRP C 23 -3.26 -0.50 -17.09
N LEU C 24 -2.94 -1.57 -16.35
CA LEU C 24 -3.50 -2.88 -16.65
C LEU C 24 -5.01 -2.87 -16.45
N LEU C 25 -5.52 -2.18 -15.42
CA LEU C 25 -6.96 -2.16 -15.20
C LEU C 25 -7.70 -1.46 -16.33
N LYS C 26 -7.11 -0.39 -16.88
CA LYS C 26 -7.72 0.28 -18.03
C LYS C 26 -7.75 -0.63 -19.25
N LYS C 27 -6.70 -1.44 -19.43
CA LYS C 27 -6.68 -2.40 -20.51
C LYS C 27 -7.77 -3.45 -20.33
N ILE C 28 -7.99 -3.87 -19.08
CA ILE C 28 -9.06 -4.82 -18.80
C ILE C 28 -10.40 -4.20 -19.18
N ALA C 29 -10.59 -2.91 -18.88
CA ALA C 29 -11.88 -2.27 -19.11
C ALA C 29 -12.14 -2.08 -20.60
N GLN C 30 -11.11 -1.79 -21.38
CA GLN C 30 -11.27 -1.47 -22.80
C GLN C 30 -11.63 -2.73 -23.60
N GLY C 31 -11.52 -3.88 -22.95
N GLY D 2 10.23 -1.86 20.70
CA GLY D 2 9.78 -0.44 20.59
C GLY D 2 8.74 -0.16 19.51
N LEU D 3 8.41 1.11 19.33
CA LEU D 3 7.37 1.48 18.36
C LEU D 3 7.79 1.27 16.90
N LEU D 4 9.06 1.51 16.56
CA LEU D 4 9.53 1.26 15.21
C LEU D 4 9.44 -0.22 14.88
N GLU D 5 9.81 -1.07 15.84
CA GLU D 5 9.67 -2.50 15.67
C GLU D 5 8.20 -2.90 15.53
N GLU D 6 7.28 -2.19 16.23
CA GLU D 6 5.86 -2.47 16.00
C GLU D 6 5.43 -2.08 14.58
N ILE D 7 5.84 -0.94 14.08
CA ILE D 7 5.54 -0.58 12.69
C ILE D 7 6.10 -1.60 11.71
N ALA D 8 7.33 -2.08 11.96
CA ALA D 8 7.92 -3.11 11.12
C ALA D 8 7.02 -4.34 11.07
N GLN D 9 6.56 -4.77 12.25
CA GLN D 9 5.63 -5.90 12.31
C GLN D 9 4.38 -5.64 11.48
N LEU D 10 3.80 -4.43 11.56
CA LEU D 10 2.59 -4.15 10.78
C LEU D 10 2.85 -4.14 9.28
N LEU D 11 4.03 -3.69 8.86
CA LEU D 11 4.35 -3.74 7.44
C LEU D 11 4.48 -5.17 6.98
N GLU D 12 5.10 -6.02 7.81
CA GLU D 12 5.21 -7.44 7.49
C GLU D 12 3.81 -8.02 7.34
N GLU D 13 2.87 -7.58 8.17
CA GLU D 13 1.49 -8.06 8.03
C GLU D 13 0.86 -7.56 6.73
N ILE D 14 1.08 -6.30 6.35
CA ILE D 14 0.52 -5.82 5.09
C ILE D 14 1.07 -6.61 3.92
N ALA D 15 2.37 -6.92 3.97
CA ALA D 15 2.96 -7.73 2.91
C ALA D 15 2.25 -9.06 2.78
N LYS D 16 2.01 -9.73 3.93
CA LYS D 16 1.30 -10.98 3.92
C LYS D 16 -0.07 -10.80 3.27
N LEU D 17 -0.80 -9.74 3.62
CA LEU D 17 -2.14 -9.55 3.05
C LEU D 17 -2.09 -9.24 1.55
N LEU D 18 -1.09 -8.50 1.08
CA LEU D 18 -0.99 -8.29 -0.37
C LEU D 18 -0.71 -9.57 -1.11
N LYS D 19 0.15 -10.42 -0.53
CA LYS D 19 0.42 -11.71 -1.12
C LYS D 19 -0.86 -12.53 -1.20
N LYS D 20 -1.74 -12.41 -0.21
CA LYS D 20 -3.03 -13.07 -0.29
C LYS D 20 -3.88 -12.51 -1.43
N ILE D 21 -3.94 -11.18 -1.59
CA ILE D 21 -4.69 -10.64 -2.72
C ILE D 21 -4.14 -11.15 -4.06
N ALA D 22 -2.83 -11.20 -4.20
CA ALA D 22 -2.25 -11.71 -5.44
C ALA D 22 -2.71 -13.14 -5.70
N TRP D 23 -2.71 -13.95 -4.64
CA TRP D 23 -3.20 -15.31 -4.74
C TRP D 23 -4.64 -15.33 -5.22
N LEU D 24 -5.46 -14.41 -4.72
CA LEU D 24 -6.87 -14.41 -5.12
C LEU D 24 -7.05 -13.95 -6.57
N LEU D 25 -6.25 -13.00 -7.01
CA LEU D 25 -6.38 -12.53 -8.39
C LEU D 25 -5.98 -13.60 -9.37
N LYS D 26 -4.94 -14.37 -9.03
CA LYS D 26 -4.57 -15.50 -9.86
C LYS D 26 -5.73 -16.46 -9.99
N LYS D 27 -6.54 -16.57 -8.95
CA LYS D 27 -7.67 -17.47 -9.00
C LYS D 27 -8.78 -16.91 -9.89
N ILE D 28 -9.05 -15.62 -9.83
CA ILE D 28 -10.02 -15.02 -10.75
C ILE D 28 -9.57 -15.23 -12.19
N ALA D 29 -8.29 -14.96 -12.46
CA ALA D 29 -7.77 -15.11 -13.82
C ALA D 29 -7.86 -16.54 -14.33
N GLN D 30 -7.69 -17.53 -13.45
CA GLN D 30 -7.70 -18.90 -13.92
C GLN D 30 -9.07 -19.30 -14.47
N GLY D 31 -10.14 -18.73 -13.93
CA GLY D 31 -11.49 -19.07 -14.39
C GLY D 31 -11.77 -18.58 -15.80
N NH2 D 32 -11.28 -17.38 -16.11
HN1 NH2 D 32 -11.43 -16.99 -17.03
HN2 NH2 D 32 -10.74 -16.86 -15.43
N GLY E 2 -17.89 -13.37 -2.72
CA GLY E 2 -17.05 -13.76 -3.90
C GLY E 2 -15.59 -13.33 -3.74
N LEU E 3 -14.76 -13.69 -4.74
CA LEU E 3 -13.32 -13.44 -4.65
C LEU E 3 -13.05 -11.95 -4.68
N LEU E 4 -13.80 -11.19 -5.49
CA LEU E 4 -13.65 -9.73 -5.46
C LEU E 4 -13.97 -9.21 -4.07
N GLU E 5 -15.01 -9.76 -3.43
CA GLU E 5 -15.37 -9.32 -2.08
C GLU E 5 -14.29 -9.68 -1.07
N GLU E 6 -13.66 -10.85 -1.22
CA GLU E 6 -12.52 -11.17 -0.34
C GLU E 6 -11.39 -10.18 -0.53
N ILE E 7 -11.09 -9.84 -1.78
CA ILE E 7 -10.06 -8.87 -2.03
C ILE E 7 -10.43 -7.55 -1.39
N ALA E 8 -11.69 -7.15 -1.51
CA ALA E 8 -12.15 -5.91 -0.92
C ALA E 8 -11.93 -5.91 0.59
N GLN E 9 -12.23 -7.01 1.26
CA GLN E 9 -12.03 -7.08 2.70
C GLN E 9 -10.56 -7.08 3.08
N LEU E 10 -9.70 -7.70 2.27
CA LEU E 10 -8.26 -7.64 2.56
C LEU E 10 -7.76 -6.22 2.42
N LEU E 11 -8.27 -5.49 1.40
CA LEU E 11 -7.91 -4.09 1.25
C LEU E 11 -8.37 -3.29 2.44
N GLU E 12 -9.56 -3.57 2.96
CA GLU E 12 -10.03 -2.92 4.18
C GLU E 12 -9.12 -3.23 5.37
N GLU E 13 -8.56 -4.44 5.45
CA GLU E 13 -7.66 -4.77 6.56
C GLU E 13 -6.36 -4.04 6.40
N ILE E 14 -5.84 -3.97 5.18
CA ILE E 14 -4.64 -3.20 4.93
C ILE E 14 -4.87 -1.76 5.32
N ALA E 15 -6.02 -1.20 4.95
CA ALA E 15 -6.35 0.17 5.32
C ALA E 15 -6.31 0.34 6.83
N LYS E 16 -6.81 -0.64 7.57
CA LYS E 16 -6.77 -0.56 9.05
C LYS E 16 -5.33 -0.61 9.57
N LEU E 17 -4.48 -1.45 9.00
CA LEU E 17 -3.11 -1.54 9.46
C LEU E 17 -2.38 -0.25 9.16
N LEU E 18 -2.65 0.34 7.98
CA LEU E 18 -2.06 1.63 7.65
C LEU E 18 -2.48 2.69 8.64
N LYS E 19 -3.73 2.68 9.05
CA LYS E 19 -4.18 3.60 10.09
C LYS E 19 -3.43 3.34 11.42
N LYS E 20 -3.17 2.07 11.76
CA LYS E 20 -2.42 1.79 12.98
CA LYS E 20 -2.42 1.79 12.98
C LYS E 20 -0.97 2.27 12.88
N ILE E 21 -0.33 2.09 11.71
CA ILE E 21 0.98 2.64 11.51
C ILE E 21 0.94 4.14 11.70
N ALA E 22 -0.08 4.82 11.13
CA ALA E 22 -0.21 6.27 11.28
C ALA E 22 -0.29 6.64 12.76
N TRP E 23 -1.04 5.89 13.55
CA TRP E 23 -1.11 6.12 15.00
C TRP E 23 0.25 5.98 15.67
N LEU E 24 0.98 4.91 15.37
CA LEU E 24 2.29 4.71 15.99
C LEU E 24 3.30 5.78 15.60
N LEU E 25 3.22 6.25 14.36
CA LEU E 25 4.09 7.35 13.96
C LEU E 25 3.77 8.59 14.74
N LYS E 26 2.49 8.86 14.98
CA LYS E 26 2.14 9.98 15.84
C LYS E 26 2.70 9.80 17.25
N LYS E 27 2.71 8.57 17.76
CA LYS E 27 3.24 8.32 19.10
C LYS E 27 4.75 8.49 19.14
N ILE E 28 5.46 8.04 18.10
CA ILE E 28 6.90 8.24 18.03
C ILE E 28 7.20 9.73 18.06
N ALA E 29 6.40 10.49 17.31
CA ALA E 29 6.60 11.94 17.26
C ALA E 29 6.29 12.58 18.60
N GLN E 30 5.28 12.09 19.29
CA GLN E 30 4.88 12.66 20.58
C GLN E 30 5.92 12.39 21.65
N GLY E 31 6.66 11.29 21.51
CA GLY E 31 7.69 10.93 22.46
N GLY F 2 -1.68 -13.22 -18.73
CA GLY F 2 -2.91 -12.38 -18.81
C GLY F 2 -2.81 -11.16 -17.91
N LEU F 3 -3.75 -10.23 -18.07
CA LEU F 3 -3.66 -8.93 -17.40
C LEU F 3 -3.79 -9.08 -15.89
N LEU F 4 -4.74 -9.88 -15.40
CA LEU F 4 -4.89 -10.06 -13.96
C LEU F 4 -3.64 -10.73 -13.36
N GLU F 5 -3.01 -11.64 -14.11
CA GLU F 5 -1.83 -12.31 -13.56
C GLU F 5 -0.66 -11.33 -13.44
N GLU F 6 -0.55 -10.42 -14.41
CA GLU F 6 0.43 -9.35 -14.30
C GLU F 6 0.18 -8.51 -13.06
N ILE F 7 -1.09 -8.17 -12.78
CA ILE F 7 -1.41 -7.43 -11.56
C ILE F 7 -0.96 -8.20 -10.31
N ALA F 8 -1.23 -9.49 -10.25
CA ALA F 8 -0.83 -10.25 -9.07
C ALA F 8 0.68 -10.25 -8.89
N GLN F 9 1.44 -10.40 -9.99
CA GLN F 9 2.89 -10.38 -9.88
C GLN F 9 3.38 -9.05 -9.31
N LEU F 10 2.77 -7.94 -9.76
CA LEU F 10 3.15 -6.64 -9.24
C LEU F 10 2.85 -6.53 -7.74
N LEU F 11 1.74 -7.10 -7.29
CA LEU F 11 1.45 -7.08 -5.86
C LEU F 11 2.48 -7.87 -5.06
N GLU F 12 2.96 -8.99 -5.60
CA GLU F 12 3.99 -9.77 -4.92
C GLU F 12 5.28 -8.99 -4.83
N GLU F 13 5.60 -8.22 -5.88
CA GLU F 13 6.78 -7.37 -5.83
C GLU F 13 6.62 -6.31 -4.75
N ILE F 14 5.42 -5.72 -4.65
CA ILE F 14 5.17 -4.72 -3.61
C ILE F 14 5.36 -5.34 -2.22
N ALA F 15 4.89 -6.56 -2.01
CA ALA F 15 5.07 -7.20 -0.70
C ALA F 15 6.54 -7.39 -0.35
N LYS F 16 7.36 -7.80 -1.33
CA LYS F 16 8.78 -7.99 -1.07
C LYS F 16 9.42 -6.69 -0.65
N LEU F 17 9.00 -5.59 -1.30
CA LEU F 17 9.55 -4.28 -1.00
C LEU F 17 9.14 -3.85 0.41
N LEU F 18 7.93 -4.19 0.81
CA LEU F 18 7.50 -3.87 2.18
C LEU F 18 8.31 -4.66 3.22
N LYS F 19 8.65 -5.92 2.94
CA LYS F 19 9.49 -6.68 3.87
C LYS F 19 10.89 -6.11 4.00
N LYS F 20 11.41 -5.56 2.90
CA LYS F 20 12.69 -4.92 2.97
C LYS F 20 12.60 -3.68 3.83
N ILE F 21 11.49 -2.94 3.71
CA ILE F 21 11.31 -1.75 4.55
C ILE F 21 11.25 -2.17 6.02
N ALA F 22 10.55 -3.23 6.32
CA ALA F 22 10.47 -3.68 7.72
C ALA F 22 11.85 -4.04 8.30
N TRP F 23 12.67 -4.77 7.54
CA TRP F 23 14.02 -5.10 8.01
C TRP F 23 14.83 -3.86 8.29
N LEU F 24 14.71 -2.87 7.41
CA LEU F 24 15.43 -1.63 7.59
C LEU F 24 14.96 -0.90 8.84
N LEU F 25 13.64 -0.92 9.10
CA LEU F 25 13.14 -0.32 10.34
C LEU F 25 13.73 -1.00 11.57
N LYS F 26 13.85 -2.33 11.55
CA LYS F 26 14.46 -2.99 12.70
C LYS F 26 15.92 -2.60 12.87
N LYS F 27 16.66 -2.44 11.77
CA LYS F 27 18.04 -2.01 11.90
C LYS F 27 18.11 -0.60 12.46
N ILE F 28 17.14 0.25 12.12
CA ILE F 28 17.11 1.57 12.71
C ILE F 28 16.91 1.45 14.21
N ALA F 29 15.94 0.62 14.62
CA ALA F 29 15.70 0.40 16.05
C ALA F 29 16.91 -0.21 16.75
N GLN F 30 17.50 -1.25 16.17
CA GLN F 30 18.56 -2.01 16.85
C GLN F 30 19.98 -1.67 16.35
C4 P8R G . 14.78 8.14 12.96
C5 P8R G . 12.66 7.33 13.68
C6 P8R G . 11.84 7.80 12.52
C7 P8R G . 10.47 6.94 10.76
C8 P8R G . 10.21 5.72 9.95
C10 P8R G . 7.41 5.03 7.66
C13 P8R G . 4.08 1.91 3.73
C15 P8R G . 1.26 1.32 1.43
C17 P8R G . -0.52 -0.84 -0.96
C20 P8R G . -3.47 -2.80 -4.10
C21 P8R G . -4.98 -3.80 -5.66
C22 P8R G . -6.22 -3.51 -6.45
C24 P8R G . -8.02 -5.66 -8.85
C26 P8R G . -10.94 -6.36 -10.96
C11 P8R G . 5.92 4.07 6.10
C12 P8R G . 5.64 2.82 5.30
C14 P8R G . 2.81 2.21 3.00
C16 P8R G . 1.02 0.12 0.56
C18 P8R G . -1.79 -0.61 -1.69
C19 P8R G . -3.22 -1.56 -3.34
C23 P8R G . -7.74 -4.44 -8.01
C25 P8R G . -9.61 -6.61 -10.32
C27 P8R G . -12.55 -7.30 -12.43
C9 P8R G . 8.71 4.78 8.36
O10 P8R G . -2.07 -1.74 -2.52
O11 P8R G . -4.62 -2.64 -4.93
O12 P8R G . -6.54 -4.63 -7.27
O13 P8R G . -9.26 -5.49 -9.51
O14 P8R G . -11.30 -7.47 -11.78
O3 P8R G . 13.74 8.24 13.93
O4 P8R G . 11.51 6.67 11.70
O5 P8R G . 9.03 5.91 9.19
O6 P8R G . 7.09 3.88 6.88
O7 P8R G . 4.44 3.01 4.55
O8 P8R G . 2.51 1.16 2.09
O9 P8R G . -0.21 0.30 -0.16
H8 P8R G . 14.50 7.55 12.23
H9 P8R G . 15.58 7.76 13.38
H10 P8R G . 12.10 7.26 14.48
H11 P8R G . 13.03 6.44 13.49
H12 P8R G . 12.35 8.46 11.99
H13 P8R G . 11.02 8.23 12.84
H14 P8R G . 10.75 7.68 10.18
H15 P8R G . 9.66 7.21 11.24
H16 P8R G . 10.10 4.94 10.54
H17 P8R G . 10.97 5.55 9.35
H20 P8R G . 7.50 5.81 7.09
H21 P8R G . 6.71 5.19 8.32
H26 P8R G . 3.96 1.10 4.28
H27 P8R G . 4.80 1.73 3.07
H30 P8R G . 1.26 2.13 0.89
H31 P8R G . 0.54 1.39 2.10
H34 P8R G . -0.61 -1.63 -0.39
H35 P8R G . 0.22 -1.00 -1.59
H40 P8R G . -3.61 -3.55 -3.49
H41 P8R G . -2.68 -3.01 -4.66
H42 P8R G . -5.14 -4.54 -5.04
H43 P8R G . -4.25 -4.05 -6.27
H44 P8R G . -6.09 -2.72 -7.01
H45 P8R G . -6.97 -3.34 -5.83
H48 P8R G . -8.04 -6.45 -8.28
H49 P8R G . -7.30 -5.77 -9.50
H52 P8R G . -10.90 -5.55 -11.50
H53 P8R G . -11.62 -6.24 -10.26
H22 P8R G . 6.04 4.83 5.49
H23 P8R G . 5.15 4.26 6.68
H24 P8R G . 5.54 2.05 5.90
H25 P8R G . 6.38 2.64 4.69
H28 P8R G . 2.90 3.06 2.51
H29 P8R G . 2.08 2.30 3.65
H32 P8R G . 0.97 -0.68 1.10
H33 P8R G . 1.75 0.03 -0.08
H36 P8R G . -1.70 0.20 -2.26
H37 P8R G . -2.52 -0.46 -1.06
H38 P8R G . -3.08 -0.81 -3.95
H39 P8R G . -4.00 -1.36 -2.78
H46 P8R G . -7.65 -3.65 -8.58
H47 P8R G . -8.49 -4.29 -7.39
H50 P8R G . -9.65 -7.42 -9.76
H51 P8R G . -8.93 -6.75 -11.01
H55 P8R G . -12.74 -8.07 -13.01
H54 P8R G . -13.27 -7.23 -11.76
H18 P8R G . 8.64 3.98 8.92
H19 P8R G . 9.43 4.65 7.71
#